data_6Y1M
#
_entry.id   6Y1M
#
_cell.length_a   52.942
_cell.length_b   66.979
_cell.length_c   66.083
_cell.angle_alpha   90.00
_cell.angle_beta   107.54
_cell.angle_gamma   90.00
#
_symmetry.space_group_name_H-M   'P 1 21 1'
#
loop_
_entity.id
_entity.type
_entity.pdbx_description
1 polymer 'FAB A.17 L47K mutant HEAVY CHAIN'
2 polymer 'FAB A.17 L47K mutant Light CHAIN'
3 non-polymer 'DIETHYL PHOSPHONATE'
4 water water
#
loop_
_entity_poly.entity_id
_entity_poly.type
_entity_poly.pdbx_seq_one_letter_code
_entity_poly.pdbx_strand_id
1 'polypeptide(L)'
;QVQLQESGPGLVKPSETLSLTCAVSGYSISSGYYWGWIRQPPGKGLEWIGSIYHSGSTYYNPSLKSRVTISVDTSKNQFS
LKLSSVTAADTAVYYCAGLTQSSHNDANWGQGTLVTVSSASTKGPSVFPLAPSSKSTSGGTAALGCLVKDYFPEPVTVSW
NSGALTSGVHTFPAVLQSSGLYSLSSVVTVPSSSLGTQTYICNVNHKPSNTKVDKKVEPKSCLAMDYKDHDGDYKDHDID
YKDDDDKVDHHHHHH
;
H
2 'polypeptide(L)'
;QSVLTQPPSVSAAPGQKVTISCSGSSSNIGNNYVSWYQQLPGTAPKKLIYDNNKRPSGIPDRFSGSKSGTSATLGITGLQ
TGDEADYYCGTWDSSLNPVFGGGTKLEIKRTVAAPSVFIFPPSDEQLKSGTASVVCLLNNFYPREAKVQWKVDNALQSGN
SQESVTEQDSKDSTYSLSSTLTLSKADYEKHKVYACEVTHQGLSSPVTKSFNRGECIDAAAAASFLEQKLISEEDLNSAV
DHHHHHH
;
L
#
loop_
_chem_comp.id
_chem_comp.type
_chem_comp.name
_chem_comp.formula
DEP non-polymer 'DIETHYL PHOSPHONATE' 'C4 H11 O3 P'
#
# COMPACT_ATOMS: atom_id res chain seq x y z
N VAL A 2 16.58 -18.29 -2.40
CA VAL A 2 15.56 -18.63 -1.42
C VAL A 2 14.36 -17.73 -1.56
N GLN A 3 13.18 -18.34 -1.69
CA GLN A 3 11.99 -17.55 -1.88
C GLN A 3 10.88 -18.15 -1.06
N LEU A 4 10.08 -17.29 -0.43
CA LEU A 4 8.91 -17.72 0.31
C LEU A 4 7.65 -17.17 -0.39
N GLN A 5 6.65 -17.97 -0.59
CA GLN A 5 5.48 -17.47 -1.21
C GLN A 5 4.20 -17.91 -0.54
N GLU A 6 3.47 -16.95 0.00
CA GLU A 6 2.16 -17.18 0.61
C GLU A 6 1.08 -17.52 -0.44
N SER A 7 0.04 -18.19 0.04
N SER A 7 0.11 -18.32 0.00
CA SER A 7 -1.13 -18.43 -0.77
CA SER A 7 -1.08 -18.66 -0.76
C SER A 7 -1.86 -17.10 -1.02
C SER A 7 -2.23 -18.79 0.22
N GLY A 8 -2.82 -17.11 -1.93
N GLY A 8 -3.40 -18.26 -0.14
CA GLY A 8 -3.40 -15.88 -2.44
CA GLY A 8 -4.53 -18.44 0.76
C GLY A 8 -4.27 -15.12 -1.45
C GLY A 8 -5.69 -17.55 0.42
N PRO A 9 -4.41 -13.82 -1.68
N PRO A 9 -6.80 -17.73 1.12
CA PRO A 9 -5.22 -12.95 -0.80
CA PRO A 9 -8.05 -17.06 0.79
C PRO A 9 -6.68 -13.33 -0.91
C PRO A 9 -7.90 -15.57 0.98
N GLY A 10 -7.40 -13.21 0.20
N GLY A 10 -8.55 -14.78 0.13
CA GLY A 10 -8.80 -13.56 0.16
CA GLY A 10 -8.64 -13.35 0.35
C GLY A 10 -9.64 -13.20 1.35
C GLY A 10 -9.69 -13.06 1.42
N LEU A 11 -10.92 -13.54 1.21
CA LEU A 11 -11.98 -13.25 2.16
C LEU A 11 -12.26 -14.47 3.03
N VAL A 12 -12.40 -14.27 4.35
CA VAL A 12 -12.85 -15.34 5.23
C VAL A 12 -14.10 -14.89 6.01
N LYS A 13 -15.11 -15.75 6.14
CA LYS A 13 -16.32 -15.46 6.92
C LYS A 13 -16.02 -15.47 8.42
N PRO A 14 -16.64 -14.57 9.19
CA PRO A 14 -16.46 -14.62 10.65
C PRO A 14 -16.85 -15.99 11.20
N SER A 15 -16.03 -16.45 12.14
CA SER A 15 -16.17 -17.69 12.90
C SER A 15 -15.69 -18.89 12.12
N GLU A 16 -15.17 -18.67 10.91
CA GLU A 16 -14.52 -19.74 10.14
C GLU A 16 -13.01 -19.80 10.42
N THR A 17 -12.30 -20.63 9.67
CA THR A 17 -10.90 -20.88 9.94
C THR A 17 -10.05 -20.39 8.81
N LEU A 18 -9.16 -19.44 9.13
CA LEU A 18 -8.22 -18.93 8.15
C LEU A 18 -7.15 -19.98 7.96
N SER A 19 -6.85 -20.26 6.71
CA SER A 19 -5.87 -21.26 6.40
C SER A 19 -4.94 -20.67 5.36
N LEU A 20 -3.64 -20.58 5.67
CA LEU A 20 -2.61 -20.08 4.75
C LEU A 20 -1.50 -21.09 4.61
N THR A 21 -0.88 -21.13 3.44
CA THR A 21 0.34 -21.94 3.26
C THR A 21 1.47 -21.04 2.76
N CYS A 22 2.70 -21.42 3.06
CA CYS A 22 3.86 -20.75 2.51
C CYS A 22 4.69 -21.77 1.75
N ALA A 23 4.87 -21.57 0.44
CA ALA A 23 5.74 -22.47 -0.30
C ALA A 23 7.16 -21.96 -0.25
N VAL A 24 8.09 -22.83 0.08
CA VAL A 24 9.49 -22.48 0.16
C VAL A 24 10.24 -23.01 -1.06
N SER A 25 10.84 -22.11 -1.85
CA SER A 25 11.69 -22.49 -3.00
C SER A 25 13.14 -22.32 -2.63
N GLY A 26 14.02 -23.11 -3.22
CA GLY A 26 15.45 -22.85 -3.14
C GLY A 26 16.04 -23.19 -1.80
N TYR A 27 15.25 -23.85 -0.98
CA TYR A 27 15.70 -24.28 0.33
C TYR A 27 14.83 -25.44 0.82
N SER A 28 15.39 -26.29 1.68
CA SER A 28 14.64 -27.42 2.27
C SER A 28 14.00 -27.03 3.59
N ILE A 29 12.69 -27.25 3.69
CA ILE A 29 11.91 -26.89 4.87
C ILE A 29 12.53 -27.50 6.12
N SER A 30 13.05 -28.72 5.99
CA SER A 30 13.70 -29.40 7.10
C SER A 30 14.99 -28.69 7.55
N SER A 31 15.59 -27.93 6.65
CA SER A 31 16.84 -27.24 6.98
C SER A 31 16.63 -25.92 7.74
N GLY A 32 15.42 -25.34 7.69
CA GLY A 32 15.17 -24.11 8.44
C GLY A 32 15.37 -24.21 9.95
N TYR A 33 15.89 -23.13 10.55
CA TYR A 33 15.97 -22.98 12.00
C TYR A 33 14.59 -22.81 12.60
N TYR A 34 13.82 -21.86 12.05
CA TYR A 34 12.43 -21.73 12.38
C TYR A 34 11.64 -21.24 11.15
N TRP A 35 10.35 -21.54 11.11
CA TRP A 35 9.42 -20.96 10.15
C TRP A 35 8.29 -20.34 10.96
N GLY A 36 7.82 -19.18 10.54
CA GLY A 36 6.82 -18.49 11.34
C GLY A 36 5.93 -17.55 10.56
N TRP A 37 5.00 -16.96 11.30
CA TRP A 37 4.00 -16.07 10.71
C TRP A 37 3.93 -14.80 11.52
N ILE A 38 3.80 -13.68 10.81
CA ILE A 38 3.71 -12.36 11.41
C ILE A 38 2.64 -11.64 10.62
N ARG A 39 1.77 -10.89 11.30
CA ARG A 39 0.74 -10.15 10.58
C ARG A 39 0.78 -8.68 10.89
N GLN A 40 0.13 -7.93 10.00
CA GLN A 40 0.14 -6.50 10.05
C GLN A 40 -1.26 -6.01 9.74
N PRO A 41 -2.03 -5.69 10.77
CA PRO A 41 -3.35 -5.13 10.41
C PRO A 41 -3.22 -3.83 9.64
N PRO A 42 -4.17 -3.53 8.74
CA PRO A 42 -4.17 -2.28 7.95
C PRO A 42 -3.81 -1.00 8.75
N GLY A 43 -2.76 -0.31 8.29
CA GLY A 43 -2.27 0.90 8.92
C GLY A 43 -1.66 0.76 10.29
N LYS A 44 -1.25 -0.45 10.65
CA LYS A 44 -0.72 -0.66 11.99
C LYS A 44 0.60 -1.42 11.91
N GLY A 45 1.17 -1.77 13.06
CA GLY A 45 2.49 -2.37 13.15
C GLY A 45 2.49 -3.86 13.00
N LEU A 46 3.60 -4.50 13.33
CA LEU A 46 3.75 -5.95 13.17
C LEU A 46 3.38 -6.72 14.45
N GLU A 47 2.75 -7.88 14.26
CA GLU A 47 2.38 -8.72 15.37
C GLU A 47 2.81 -10.16 15.08
N TRP A 48 3.67 -10.74 15.92
CA TRP A 48 4.05 -12.16 15.74
C TRP A 48 2.88 -13.11 16.10
N ILE A 49 2.61 -14.08 15.23
CA ILE A 49 1.59 -15.11 15.47
C ILE A 49 2.22 -16.36 16.13
N GLY A 50 3.28 -16.88 15.53
CA GLY A 50 3.86 -18.10 16.04
C GLY A 50 4.99 -18.56 15.13
N SER A 51 5.77 -19.49 15.66
CA SER A 51 6.85 -20.09 14.92
C SER A 51 6.94 -21.57 15.21
N ILE A 52 7.54 -22.32 14.29
CA ILE A 52 7.85 -23.72 14.53
C ILE A 52 9.33 -23.91 14.27
N TYR A 53 10.00 -24.66 15.14
CA TYR A 53 11.45 -24.79 15.10
C TYR A 53 11.88 -26.08 14.49
N HIS A 54 13.20 -26.23 14.43
CA HIS A 54 13.82 -27.37 13.77
C HIS A 54 13.26 -28.69 14.29
N SER A 55 13.16 -28.82 15.61
CA SER A 55 12.66 -30.02 16.29
C SER A 55 11.18 -30.36 16.04
N GLY A 56 10.43 -29.41 15.54
CA GLY A 56 9.00 -29.60 15.46
C GLY A 56 8.32 -28.88 16.61
N SER A 57 9.09 -28.33 17.54
CA SER A 57 8.50 -27.60 18.66
C SER A 57 7.85 -26.28 18.20
N THR A 58 6.66 -25.98 18.71
CA THR A 58 6.03 -24.72 18.38
C THR A 58 5.86 -23.75 19.55
N TYR A 59 5.86 -22.46 19.20
CA TYR A 59 5.59 -21.38 20.11
C TYR A 59 4.62 -20.43 19.47
N TYR A 60 3.54 -20.12 20.17
CA TYR A 60 2.51 -19.20 19.65
C TYR A 60 2.42 -17.94 20.50
N ASN A 61 1.98 -16.86 19.87
CA ASN A 61 1.58 -15.65 20.58
C ASN A 61 0.56 -16.00 21.66
N PRO A 62 0.82 -15.66 22.95
CA PRO A 62 -0.11 -16.10 24.00
C PRO A 62 -1.57 -15.68 23.79
N SER A 63 -1.79 -14.50 23.23
CA SER A 63 -3.14 -13.97 23.04
C SER A 63 -3.88 -14.67 21.90
N LEU A 64 -3.16 -15.45 21.09
CA LEU A 64 -3.78 -16.16 19.97
C LEU A 64 -3.66 -17.66 20.08
N LYS A 65 -3.01 -18.16 21.13
CA LYS A 65 -2.49 -19.51 21.04
C LYS A 65 -3.58 -20.60 20.93
N SER A 66 -4.75 -20.36 21.52
CA SER A 66 -5.78 -21.38 21.49
C SER A 66 -6.41 -21.53 20.11
N ARG A 67 -6.09 -20.61 19.19
CA ARG A 67 -6.70 -20.62 17.86
C ARG A 67 -5.72 -20.96 16.74
N VAL A 68 -4.45 -21.15 17.09
CA VAL A 68 -3.39 -21.21 16.08
C VAL A 68 -2.80 -22.60 15.98
N THR A 69 -2.55 -23.04 14.74
CA THR A 69 -1.79 -24.26 14.49
C THR A 69 -0.81 -23.93 13.38
N ILE A 70 0.46 -24.22 13.62
CA ILE A 70 1.44 -24.08 12.57
C ILE A 70 2.03 -25.45 12.33
N SER A 71 2.12 -25.87 11.06
CA SER A 71 2.65 -27.16 10.73
C SER A 71 3.46 -27.11 9.46
N VAL A 72 4.15 -28.21 9.18
CA VAL A 72 5.11 -28.32 8.08
C VAL A 72 4.79 -29.53 7.21
N ASP A 73 4.80 -29.32 5.89
CA ASP A 73 4.62 -30.43 4.95
C ASP A 73 5.91 -30.64 4.18
N THR A 74 6.67 -31.66 4.58
CA THR A 74 7.98 -31.89 4.00
C THR A 74 7.88 -32.24 2.51
N SER A 75 6.87 -33.01 2.12
CA SER A 75 6.72 -33.41 0.72
C SER A 75 6.37 -32.24 -0.23
N LYS A 76 5.56 -31.30 0.25
CA LYS A 76 5.27 -30.09 -0.51
C LYS A 76 6.34 -29.00 -0.30
N ASN A 77 7.20 -29.20 0.69
CA ASN A 77 8.19 -28.20 1.10
C ASN A 77 7.46 -26.90 1.46
N GLN A 78 6.40 -27.05 2.24
CA GLN A 78 5.56 -25.95 2.67
C GLN A 78 5.39 -25.93 4.16
N PHE A 79 5.01 -24.79 4.67
CA PHE A 79 4.43 -24.76 6.00
C PHE A 79 3.14 -23.91 5.99
N SER A 80 2.36 -24.02 7.06
CA SER A 80 1.00 -23.49 7.02
C SER A 80 0.59 -22.81 8.31
N LEU A 81 -0.50 -22.05 8.25
CA LEU A 81 -1.07 -21.44 9.45
C LEU A 81 -2.57 -21.69 9.42
N LYS A 82 -3.12 -22.19 10.51
CA LYS A 82 -4.55 -22.23 10.70
C LYS A 82 -4.90 -21.34 11.88
N LEU A 83 -5.89 -20.47 11.68
CA LEU A 83 -6.39 -19.59 12.72
C LEU A 83 -7.92 -19.72 12.75
N SER A 84 -8.41 -20.42 13.76
CA SER A 84 -9.81 -20.69 13.82
C SER A 84 -10.60 -19.55 14.44
N SER A 85 -11.92 -19.67 14.34
CA SER A 85 -12.86 -18.70 14.91
C SER A 85 -12.48 -17.25 14.62
N VAL A 86 -12.22 -16.91 13.37
CA VAL A 86 -11.78 -15.55 13.07
C VAL A 86 -12.86 -14.51 13.28
N THR A 87 -12.45 -13.29 13.57
CA THR A 87 -13.33 -12.12 13.54
C THR A 87 -12.68 -11.02 12.72
N ALA A 88 -13.37 -9.90 12.61
CA ALA A 88 -12.87 -8.74 11.84
C ALA A 88 -11.47 -8.34 12.29
N ALA A 89 -11.18 -8.58 13.56
CA ALA A 89 -9.91 -8.25 14.17
C ALA A 89 -8.74 -9.02 13.57
N ASP A 90 -9.04 -10.12 12.88
CA ASP A 90 -7.98 -10.91 12.29
C ASP A 90 -7.68 -10.42 10.87
N THR A 91 -8.41 -9.42 10.38
CA THR A 91 -8.08 -8.83 9.09
C THR A 91 -6.68 -8.26 9.09
N ALA A 92 -5.84 -8.71 8.17
CA ALA A 92 -4.46 -8.25 8.18
C ALA A 92 -3.72 -8.82 7.02
N VAL A 93 -2.56 -8.22 6.75
CA VAL A 93 -1.63 -8.77 5.78
C VAL A 93 -0.84 -9.81 6.60
N TYR A 94 -0.87 -11.06 6.16
CA TYR A 94 -0.15 -12.14 6.79
C TYR A 94 1.17 -12.40 6.04
N TYR A 95 2.28 -12.35 6.78
CA TYR A 95 3.58 -12.70 6.23
C TYR A 95 4.09 -14.02 6.80
N CYS A 96 4.63 -14.87 5.93
CA CYS A 96 5.44 -15.97 6.41
C CYS A 96 6.89 -15.54 6.40
N ALA A 97 7.67 -16.16 7.29
CA ALA A 97 9.08 -15.84 7.45
C ALA A 97 9.85 -17.10 7.90
N GLY A 98 11.13 -17.14 7.64
CA GLY A 98 11.93 -18.28 8.09
C GLY A 98 13.37 -17.91 8.12
N LEU A 99 14.10 -18.51 9.06
CA LEU A 99 15.51 -18.30 9.16
C LEU A 99 16.25 -19.51 8.63
N THR A 100 17.15 -19.26 7.69
CA THR A 100 17.89 -20.33 7.03
C THR A 100 19.35 -20.36 7.38
N GLN A 101 19.98 -21.49 7.04
CA GLN A 101 21.41 -21.68 7.12
C GLN A 101 22.02 -21.47 5.73
N ASN A 105 21.90 -14.27 9.89
CA ASN A 105 21.62 -13.13 10.74
C ASN A 105 20.41 -12.40 10.17
N ASP A 106 19.66 -13.06 9.28
CA ASP A 106 18.69 -12.35 8.45
C ASP A 106 17.60 -13.23 7.84
N ALA A 107 16.37 -13.13 8.32
CA ALA A 107 15.32 -14.05 7.89
C ALA A 107 14.85 -13.76 6.47
N ASN A 108 14.25 -14.75 5.84
CA ASN A 108 13.58 -14.54 4.57
C ASN A 108 12.13 -14.29 4.86
N TRP A 109 11.51 -13.38 4.10
CA TRP A 109 10.09 -13.06 4.26
C TRP A 109 9.35 -13.38 2.97
N GLY A 110 8.10 -13.71 3.14
CA GLY A 110 7.19 -13.91 2.07
C GLY A 110 6.80 -12.55 1.55
N GLN A 111 5.86 -12.51 0.64
CA GLN A 111 5.44 -11.25 0.09
C GLN A 111 4.25 -10.64 0.84
N GLY A 112 3.62 -11.41 1.71
CA GLY A 112 2.46 -10.92 2.43
C GLY A 112 1.17 -11.17 1.66
N THR A 113 0.11 -11.62 2.35
CA THR A 113 -1.15 -11.84 1.66
C THR A 113 -2.23 -11.24 2.53
N LEU A 114 -3.06 -10.40 1.94
CA LEU A 114 -4.09 -9.71 2.70
C LEU A 114 -5.29 -10.63 2.88
N VAL A 115 -5.66 -10.88 4.13
CA VAL A 115 -6.81 -11.69 4.43
C VAL A 115 -7.85 -10.79 5.06
N THR A 116 -9.07 -10.82 4.54
CA THR A 116 -10.12 -9.97 5.05
C THR A 116 -11.17 -10.85 5.70
N VAL A 117 -11.51 -10.54 6.94
CA VAL A 117 -12.57 -11.25 7.61
C VAL A 117 -13.79 -10.36 7.60
N SER A 118 -14.85 -10.88 7.00
CA SER A 118 -16.03 -10.08 6.67
C SER A 118 -17.21 -10.95 6.26
N SER A 119 -18.42 -10.43 6.49
CA SER A 119 -19.60 -11.24 6.20
C SER A 119 -20.17 -10.79 4.88
N ALA A 120 -19.52 -9.80 4.26
CA ALA A 120 -19.83 -9.39 2.91
C ALA A 120 -19.31 -10.42 1.92
N SER A 121 -19.60 -10.21 0.65
CA SER A 121 -19.27 -11.23 -0.33
C SER A 121 -18.25 -10.73 -1.33
N THR A 122 -17.62 -11.65 -2.04
CA THR A 122 -16.66 -11.26 -3.06
C THR A 122 -17.33 -10.68 -4.28
N LYS A 123 -16.71 -9.63 -4.86
CA LYS A 123 -17.25 -8.97 -6.03
C LYS A 123 -16.16 -8.46 -6.96
N GLY A 124 -16.21 -8.84 -8.22
CA GLY A 124 -15.16 -8.38 -9.12
C GLY A 124 -15.33 -6.95 -9.59
N PRO A 125 -14.22 -6.32 -9.98
CA PRO A 125 -14.19 -4.93 -10.41
C PRO A 125 -14.73 -4.74 -11.83
N SER A 126 -15.28 -3.56 -12.09
CA SER A 126 -15.42 -3.07 -13.46
C SER A 126 -14.23 -2.15 -13.69
N VAL A 127 -13.72 -2.15 -14.92
CA VAL A 127 -12.54 -1.37 -15.25
C VAL A 127 -12.91 -0.36 -16.32
N PHE A 128 -12.78 0.93 -15.98
CA PHE A 128 -13.15 2.00 -16.89
C PHE A 128 -11.93 2.80 -17.24
N PRO A 129 -11.86 3.34 -18.48
CA PRO A 129 -10.66 4.13 -18.79
C PRO A 129 -10.72 5.54 -18.23
N LEU A 130 -9.57 6.07 -17.87
CA LEU A 130 -9.45 7.51 -17.64
C LEU A 130 -8.76 8.07 -18.87
N ALA A 131 -9.53 8.50 -19.87
CA ALA A 131 -8.93 8.74 -21.16
C ALA A 131 -8.23 10.09 -21.24
N PRO A 132 -7.08 10.15 -21.93
CA PRO A 132 -6.41 11.45 -22.02
C PRO A 132 -7.12 12.39 -23.00
N SER A 133 -6.97 13.69 -22.79
CA SER A 133 -7.55 14.71 -23.65
C SER A 133 -6.87 16.02 -23.31
N SER A 134 -7.34 17.09 -23.92
CA SER A 134 -6.80 18.40 -23.59
C SER A 134 -7.02 18.70 -22.10
N LYS A 135 -8.08 18.14 -21.51
CA LYS A 135 -8.39 18.35 -20.09
C LYS A 135 -7.40 17.60 -19.17
N SER A 136 -6.62 16.70 -19.75
CA SER A 136 -5.63 15.97 -18.98
C SER A 136 -4.24 16.15 -19.60
N THR A 137 -3.97 17.34 -20.14
CA THR A 137 -2.66 17.68 -20.69
C THR A 137 -2.09 18.95 -20.04
N SER A 138 -0.80 18.92 -19.70
CA SER A 138 -0.13 20.09 -19.13
C SER A 138 1.25 20.21 -19.80
N GLY A 139 1.32 21.07 -20.81
CA GLY A 139 2.52 21.16 -21.63
C GLY A 139 2.58 20.01 -22.62
N GLY A 140 3.72 19.35 -22.69
CA GLY A 140 3.87 18.21 -23.57
C GLY A 140 3.57 16.92 -22.84
N THR A 141 2.97 17.04 -21.65
CA THR A 141 2.64 15.89 -20.80
C THR A 141 1.14 15.55 -20.74
N ALA A 142 0.80 14.29 -20.94
CA ALA A 142 -0.59 13.91 -20.83
C ALA A 142 -0.77 12.91 -19.72
N ALA A 143 -1.88 13.01 -18.99
CA ALA A 143 -2.19 11.98 -17.98
C ALA A 143 -3.32 11.08 -18.48
N LEU A 144 -3.21 9.78 -18.17
CA LEU A 144 -4.25 8.81 -18.50
C LEU A 144 -4.25 7.76 -17.41
N GLY A 145 -5.25 6.89 -17.39
CA GLY A 145 -5.28 5.86 -16.39
C GLY A 145 -6.51 4.98 -16.45
N CYS A 146 -6.75 4.25 -15.36
CA CYS A 146 -7.82 3.27 -15.30
C CYS A 146 -8.50 3.41 -13.94
N LEU A 147 -9.82 3.48 -13.92
CA LEU A 147 -10.62 3.47 -12.68
C LEU A 147 -11.09 2.04 -12.48
N VAL A 148 -10.73 1.45 -11.35
CA VAL A 148 -11.05 0.04 -11.05
C VAL A 148 -12.11 0.11 -9.97
N LYS A 149 -13.34 -0.23 -10.32
CA LYS A 149 -14.43 0.20 -9.48
C LYS A 149 -15.31 -0.94 -8.98
N ASP A 150 -15.78 -0.76 -7.74
CA ASP A 150 -16.80 -1.59 -7.09
C ASP A 150 -16.40 -3.04 -6.89
N TYR A 151 -15.33 -3.27 -6.14
CA TYR A 151 -14.87 -4.64 -5.94
C TYR A 151 -14.71 -4.91 -4.45
N PHE A 152 -14.65 -6.19 -4.08
CA PHE A 152 -14.53 -6.58 -2.66
C PHE A 152 -14.05 -8.02 -2.65
N PRO A 153 -13.10 -8.35 -1.75
CA PRO A 153 -12.37 -7.48 -0.83
C PRO A 153 -11.20 -6.86 -1.56
N GLU A 154 -10.39 -6.06 -0.87
CA GLU A 154 -9.05 -5.75 -1.36
C GLU A 154 -8.17 -7.03 -1.36
N PRO A 155 -7.05 -7.02 -2.09
CA PRO A 155 -6.49 -5.95 -2.93
C PRO A 155 -6.74 -6.22 -4.42
N VAL A 156 -6.46 -5.21 -5.22
CA VAL A 156 -6.24 -5.40 -6.66
C VAL A 156 -4.81 -5.05 -7.00
N THR A 157 -4.26 -5.65 -8.02
CA THR A 157 -3.01 -5.14 -8.57
C THR A 157 -3.24 -4.60 -9.97
N VAL A 158 -2.56 -3.49 -10.24
CA VAL A 158 -2.58 -2.87 -11.55
C VAL A 158 -1.16 -2.74 -12.06
N SER A 159 -0.92 -3.15 -13.29
CA SER A 159 0.31 -2.74 -13.93
C SER A 159 -0.05 -2.10 -15.27
N TRP A 160 0.97 -1.56 -15.93
CA TRP A 160 0.82 -0.91 -17.22
C TRP A 160 1.75 -1.56 -18.23
N ASN A 161 1.16 -1.93 -19.36
CA ASN A 161 1.85 -2.57 -20.47
C ASN A 161 2.65 -3.80 -20.03
N SER A 162 2.00 -4.63 -19.22
CA SER A 162 2.61 -5.84 -18.69
C SER A 162 3.90 -5.51 -17.95
N GLY A 163 3.92 -4.41 -17.22
CA GLY A 163 5.10 -4.09 -16.45
C GLY A 163 6.15 -3.30 -17.22
N ALA A 164 6.02 -3.22 -18.55
CA ALA A 164 7.00 -2.48 -19.32
C ALA A 164 6.87 -0.99 -19.06
N LEU A 165 5.73 -0.55 -18.55
CA LEU A 165 5.59 0.87 -18.25
C LEU A 165 5.52 1.09 -16.74
N THR A 166 6.58 1.69 -16.18
CA THR A 166 6.59 1.92 -14.74
C THR A 166 6.89 3.37 -14.37
N SER A 167 7.68 4.05 -15.19
CA SER A 167 8.03 5.43 -14.91
C SER A 167 6.80 6.33 -14.99
N GLY A 168 6.54 7.11 -13.94
CA GLY A 168 5.45 8.06 -13.91
C GLY A 168 4.10 7.44 -13.58
N VAL A 169 4.09 6.18 -13.11
CA VAL A 169 2.85 5.54 -12.71
C VAL A 169 2.55 5.87 -11.26
N HIS A 170 1.28 6.13 -10.97
CA HIS A 170 0.84 6.32 -9.59
C HIS A 170 -0.38 5.47 -9.46
N THR A 171 -0.32 4.45 -8.61
CA THR A 171 -1.53 3.68 -8.30
C THR A 171 -1.94 4.03 -6.90
N PHE A 172 -3.14 4.59 -6.77
CA PHE A 172 -3.58 5.15 -5.51
C PHE A 172 -4.15 4.11 -4.57
N PRO A 173 -4.04 4.34 -3.23
CA PRO A 173 -4.80 3.52 -2.28
C PRO A 173 -6.28 3.48 -2.66
N ALA A 174 -6.90 2.31 -2.56
CA ALA A 174 -8.33 2.18 -2.78
C ALA A 174 -9.10 2.99 -1.75
N VAL A 175 -10.31 3.39 -2.09
CA VAL A 175 -11.19 3.99 -1.10
C VAL A 175 -12.39 3.08 -0.93
N LEU A 176 -12.87 2.97 0.31
CA LEU A 176 -14.09 2.24 0.62
C LEU A 176 -15.29 3.15 0.41
N GLN A 177 -16.07 2.90 -0.64
CA GLN A 177 -17.26 3.71 -0.93
C GLN A 177 -18.37 3.46 0.09
N SER A 178 -19.42 4.29 0.12
CA SER A 178 -20.45 4.12 1.13
C SER A 178 -21.28 2.88 0.84
N SER A 179 -21.11 2.32 -0.34
CA SER A 179 -21.76 1.06 -0.71
C SER A 179 -21.11 -0.17 -0.06
N GLY A 180 -19.95 0.02 0.55
CA GLY A 180 -19.20 -1.12 1.12
C GLY A 180 -18.23 -1.72 0.11
N LEU A 181 -18.13 -1.12 -1.09
CA LEU A 181 -17.21 -1.63 -2.11
C LEU A 181 -16.05 -0.66 -2.32
N TYR A 182 -14.92 -1.19 -2.74
CA TYR A 182 -13.74 -0.37 -2.96
C TYR A 182 -13.70 0.13 -4.37
N SER A 183 -12.99 1.24 -4.52
CA SER A 183 -12.74 1.84 -5.81
C SER A 183 -11.31 2.38 -5.82
N LEU A 184 -10.61 2.16 -6.92
CA LEU A 184 -9.22 2.53 -7.03
C LEU A 184 -8.95 3.16 -8.40
N SER A 185 -8.00 4.10 -8.47
CA SER A 185 -7.52 4.56 -9.76
C SER A 185 -6.01 4.39 -9.90
N SER A 186 -5.57 4.23 -11.15
CA SER A 186 -4.14 4.10 -11.45
C SER A 186 -3.91 4.99 -12.64
N VAL A 187 -2.94 5.90 -12.56
CA VAL A 187 -2.69 6.85 -13.61
C VAL A 187 -1.24 6.83 -14.05
N VAL A 188 -0.97 7.24 -15.28
CA VAL A 188 0.39 7.41 -15.70
C VAL A 188 0.47 8.70 -16.50
N THR A 189 1.59 9.42 -16.38
CA THR A 189 1.82 10.56 -17.24
C THR A 189 2.87 10.20 -18.31
N VAL A 190 2.61 10.67 -19.53
CA VAL A 190 3.37 10.27 -20.71
C VAL A 190 3.49 11.48 -21.63
N PRO A 191 4.43 11.42 -22.59
CA PRO A 191 4.50 12.47 -23.60
C PRO A 191 3.22 12.54 -24.45
N SER A 192 2.67 13.73 -24.59
CA SER A 192 1.52 13.93 -25.46
C SER A 192 1.72 13.36 -26.85
N SER A 193 2.93 13.51 -27.37
CA SER A 193 3.26 13.04 -28.71
C SER A 193 3.15 11.54 -28.84
N SER A 194 3.08 10.82 -27.72
CA SER A 194 3.07 9.36 -27.81
C SER A 194 1.63 8.84 -27.91
N LEU A 195 0.66 9.71 -27.66
CA LEU A 195 -0.74 9.31 -27.56
C LEU A 195 -1.25 8.63 -28.83
N GLY A 196 -0.72 9.00 -29.99
CA GLY A 196 -1.14 8.39 -31.22
C GLY A 196 -0.29 7.22 -31.71
N THR A 197 0.76 6.87 -30.97
CA THR A 197 1.60 5.81 -31.50
C THR A 197 1.85 4.67 -30.49
N GLN A 198 1.78 5.00 -29.21
CA GLN A 198 2.01 4.02 -28.17
C GLN A 198 0.70 3.56 -27.57
N THR A 199 0.54 2.25 -27.48
CA THR A 199 -0.62 1.68 -26.84
C THR A 199 -0.41 1.64 -25.32
N TYR A 200 -1.44 2.02 -24.58
CA TYR A 200 -1.38 1.96 -23.14
C TYR A 200 -2.50 1.03 -22.67
N ILE A 201 -2.10 -0.05 -21.98
CA ILE A 201 -3.05 -1.02 -21.42
C ILE A 201 -2.79 -1.09 -19.93
N CYS A 202 -3.85 -1.04 -19.13
CA CYS A 202 -3.69 -1.24 -17.72
C CYS A 202 -4.11 -2.67 -17.45
N ASN A 203 -3.23 -3.41 -16.77
CA ASN A 203 -3.52 -4.82 -16.50
C ASN A 203 -4.01 -4.93 -15.07
N VAL A 204 -5.22 -5.43 -14.89
CA VAL A 204 -5.87 -5.43 -13.61
C VAL A 204 -6.12 -6.86 -13.16
N ASN A 205 -5.72 -7.18 -11.94
CA ASN A 205 -5.94 -8.51 -11.37
C ASN A 205 -6.61 -8.35 -10.00
N HIS A 206 -7.84 -8.88 -9.86
CA HIS A 206 -8.50 -8.98 -8.55
C HIS A 206 -8.53 -10.43 -8.16
N LYS A 207 -7.48 -10.88 -7.49
CA LYS A 207 -7.34 -12.31 -7.26
C LYS A 207 -8.48 -12.91 -6.47
N PRO A 208 -9.06 -12.18 -5.52
CA PRO A 208 -10.14 -12.84 -4.77
C PRO A 208 -11.35 -13.22 -5.61
N SER A 209 -11.65 -12.51 -6.70
CA SER A 209 -12.79 -12.86 -7.53
C SER A 209 -12.34 -13.60 -8.79
N ASN A 210 -11.04 -13.83 -8.89
CA ASN A 210 -10.42 -14.29 -10.14
C ASN A 210 -10.76 -13.47 -11.38
N THR A 211 -10.68 -12.17 -11.22
CA THR A 211 -10.96 -11.25 -12.33
C THR A 211 -9.66 -10.64 -12.85
N LYS A 212 -9.32 -10.97 -14.08
CA LYS A 212 -8.21 -10.33 -14.77
C LYS A 212 -8.71 -9.63 -16.01
N VAL A 213 -8.27 -8.40 -16.17
CA VAL A 213 -8.72 -7.57 -17.31
C VAL A 213 -7.53 -6.80 -17.86
N ASP A 214 -7.36 -6.81 -19.18
CA ASP A 214 -6.39 -5.93 -19.85
C ASP A 214 -7.21 -4.88 -20.63
N LYS A 215 -7.19 -3.63 -20.18
CA LYS A 215 -8.06 -2.60 -20.77
C LYS A 215 -7.23 -1.57 -21.51
N LYS A 216 -7.43 -1.47 -22.81
CA LYS A 216 -6.74 -0.43 -23.57
C LYS A 216 -7.36 0.95 -23.29
N VAL A 217 -6.50 1.94 -23.12
CA VAL A 217 -6.95 3.30 -22.82
C VAL A 217 -6.60 4.24 -23.96
N GLU A 218 -7.61 4.69 -24.69
CA GLU A 218 -7.40 5.45 -25.92
C GLU A 218 -7.75 6.92 -25.73
N PRO A 219 -7.05 7.81 -26.42
CA PRO A 219 -7.39 9.23 -26.30
C PRO A 219 -8.85 9.51 -26.62
N LYS A 220 -9.48 10.45 -25.89
CA LYS A 220 -10.84 10.91 -26.18
C LYS A 220 -10.91 11.72 -27.48
N SER A 221 -12.12 12.11 -27.83
CA SER A 221 -12.41 13.07 -28.89
C SER A 221 -13.32 14.20 -28.33
N CYS A 222 -12.73 15.36 -28.08
CA CYS A 222 -13.44 16.51 -27.48
C CYS A 222 -13.61 17.65 -28.49
N SER B 2 1.50 -4.16 18.54
CA SER B 2 2.60 -3.28 18.95
C SER B 2 2.78 -3.22 20.45
N VAL B 3 4.03 -3.13 20.90
CA VAL B 3 4.37 -3.03 22.33
C VAL B 3 5.36 -1.89 22.60
N LEU B 4 6.38 -1.79 21.75
CA LEU B 4 7.41 -0.78 21.90
C LEU B 4 6.89 0.56 21.39
N THR B 5 7.35 1.66 21.97
CA THR B 5 6.86 2.96 21.54
C THR B 5 7.80 3.68 20.57
N GLN B 6 7.28 4.07 19.41
CA GLN B 6 8.05 4.88 18.45
C GLN B 6 7.30 6.15 18.09
N PRO B 7 8.03 7.21 17.70
CA PRO B 7 7.32 8.38 17.21
C PRO B 7 6.61 8.04 15.90
N PRO B 8 5.43 8.62 15.64
CA PRO B 8 4.67 8.32 14.42
C PRO B 8 5.43 8.65 13.11
N SER B 9 6.16 9.76 13.10
CA SER B 9 6.85 10.19 11.90
C SER B 9 8.10 10.94 12.30
N VAL B 10 9.03 11.07 11.35
CA VAL B 10 10.23 11.89 11.48
C VAL B 10 10.50 12.44 10.08
N SER B 11 11.18 13.58 9.97
CA SER B 11 11.47 14.12 8.66
C SER B 11 12.79 14.86 8.60
N ALA B 12 13.37 14.87 7.41
CA ALA B 12 14.59 15.60 7.15
C ALA B 12 14.90 15.67 5.65
N ALA B 13 15.80 16.58 5.27
CA ALA B 13 16.19 16.78 3.89
C ALA B 13 17.27 15.76 3.45
N PRO B 14 17.40 15.52 2.12
CA PRO B 14 18.38 14.56 1.63
C PRO B 14 19.76 14.98 2.08
N GLY B 15 20.59 14.02 2.48
CA GLY B 15 21.96 14.35 2.87
C GLY B 15 22.09 14.58 4.36
N GLN B 16 20.98 14.80 5.05
CA GLN B 16 21.01 15.05 6.49
C GLN B 16 20.92 13.74 7.28
N LYS B 17 20.88 13.85 8.61
CA LYS B 17 20.72 12.68 9.49
C LYS B 17 19.37 12.70 10.20
N VAL B 18 18.75 11.62 10.48
CA VAL B 18 17.64 11.39 11.41
C VAL B 18 17.94 10.25 12.34
N THR B 19 17.32 10.39 13.51
CA THR B 19 17.27 9.28 14.43
C THR B 19 15.81 8.94 14.75
N ILE B 20 15.56 7.65 14.94
CA ILE B 20 14.27 7.10 15.28
C ILE B 20 14.44 6.38 16.61
N SER B 21 13.68 6.79 17.62
CA SER B 21 13.77 6.19 18.95
C SER B 21 12.76 5.05 19.16
N CYS B 22 13.14 4.11 20.01
CA CYS B 22 12.30 2.98 20.34
C CYS B 22 12.32 2.83 21.84
N SER B 23 11.16 3.02 22.50
CA SER B 23 11.05 2.94 23.96
C SER B 23 10.39 1.64 24.42
N GLY B 24 11.05 1.00 25.37
CA GLY B 24 10.59 -0.29 25.85
C GLY B 24 10.67 -0.32 27.35
N SER B 25 10.61 -1.51 27.92
CA SER B 25 10.72 -1.66 29.36
C SER B 25 11.89 -2.57 29.70
N SER B 26 12.21 -2.64 30.99
CA SER B 26 13.30 -3.50 31.44
C SER B 26 13.12 -4.98 31.04
N SER B 27 11.88 -5.46 30.93
CA SER B 27 11.66 -6.86 30.55
C SER B 27 11.81 -7.13 29.04
N ASN B 28 11.76 -6.10 28.18
CA ASN B 28 12.07 -6.38 26.77
C ASN B 28 13.41 -5.77 26.32
N ILE B 29 13.42 -4.51 25.90
CA ILE B 29 14.66 -3.89 25.43
C ILE B 29 15.74 -3.93 26.47
N GLY B 30 15.33 -3.80 27.72
CA GLY B 30 16.26 -3.71 28.83
C GLY B 30 17.13 -4.95 28.91
N ASN B 31 16.53 -6.10 28.69
CA ASN B 31 17.27 -7.35 28.80
C ASN B 31 17.63 -8.03 27.50
N ASN B 32 17.23 -7.46 26.35
CA ASN B 32 17.41 -8.17 25.09
C ASN B 32 17.99 -7.35 23.93
N TYR B 33 18.43 -8.06 22.90
CA TYR B 33 18.97 -7.39 21.71
C TYR B 33 17.86 -6.68 20.99
N VAL B 34 18.22 -5.60 20.30
CA VAL B 34 17.26 -4.87 19.51
C VAL B 34 17.58 -5.00 18.03
N SER B 35 16.54 -5.23 17.21
CA SER B 35 16.65 -5.19 15.75
C SER B 35 15.83 -4.03 15.18
N TRP B 36 16.20 -3.58 13.98
CA TRP B 36 15.49 -2.55 13.21
C TRP B 36 15.16 -3.05 11.82
N TYR B 37 13.98 -2.66 11.31
CA TYR B 37 13.47 -3.13 10.03
C TYR B 37 13.03 -1.93 9.21
N GLN B 38 13.30 -1.98 7.91
CA GLN B 38 12.76 -1.03 6.95
C GLN B 38 11.62 -1.67 6.15
N GLN B 39 10.50 -0.96 6.04
CA GLN B 39 9.43 -1.45 5.19
C GLN B 39 9.01 -0.37 4.22
N LEU B 40 9.41 -0.55 2.96
CA LEU B 40 8.95 0.29 1.88
C LEU B 40 7.50 -0.06 1.60
N PRO B 41 6.71 0.93 1.16
CA PRO B 41 5.31 0.69 0.81
C PRO B 41 5.17 -0.52 -0.08
N GLY B 42 4.23 -1.42 0.25
CA GLY B 42 3.99 -2.58 -0.57
C GLY B 42 4.92 -3.79 -0.38
N THR B 43 5.96 -3.68 0.45
CA THR B 43 6.94 -4.77 0.58
C THR B 43 6.99 -5.32 2.00
N ALA B 44 7.63 -6.47 2.17
CA ALA B 44 7.92 -7.03 3.48
C ALA B 44 8.97 -6.22 4.13
N PRO B 45 8.97 -6.19 5.49
CA PRO B 45 10.07 -5.66 6.29
C PRO B 45 11.43 -6.23 5.84
N LYS B 46 12.46 -5.40 5.80
CA LYS B 46 13.84 -5.81 5.55
C LYS B 46 14.71 -5.46 6.76
N LYS B 47 15.54 -6.38 7.27
CA LYS B 47 16.28 -6.05 8.49
C LYS B 47 17.47 -5.14 8.21
N LEU B 48 17.60 -4.07 9.01
CA LEU B 48 18.73 -3.12 8.90
C LEU B 48 19.78 -3.36 9.98
N ILE B 49 19.29 -3.79 11.14
CA ILE B 49 20.10 -3.85 12.34
C ILE B 49 19.72 -5.08 13.15
N TYR B 50 20.70 -5.81 13.65
CA TYR B 50 20.44 -6.85 14.65
C TYR B 50 21.47 -6.71 15.74
N ASP B 51 21.24 -7.40 16.87
CA ASP B 51 22.12 -7.33 18.04
C ASP B 51 22.49 -5.89 18.41
N ASN B 52 21.48 -5.02 18.41
CA ASN B 52 21.60 -3.60 18.79
C ASN B 52 22.29 -2.75 17.75
N ASN B 53 23.37 -3.25 17.14
CA ASN B 53 24.19 -2.36 16.33
C ASN B 53 24.90 -3.01 15.14
N LYS B 54 24.52 -4.23 14.80
CA LYS B 54 25.16 -4.94 13.70
C LYS B 54 24.34 -4.88 12.39
N ARG B 55 25.03 -4.75 11.28
CA ARG B 55 24.38 -4.70 9.98
C ARG B 55 24.51 -6.02 9.26
N PRO B 56 23.39 -6.58 8.81
CA PRO B 56 23.47 -7.71 7.87
C PRO B 56 24.24 -7.30 6.64
N SER B 57 24.82 -8.27 5.94
CA SER B 57 25.44 -8.01 4.65
C SER B 57 24.49 -7.28 3.71
N GLY B 58 24.98 -6.23 3.05
CA GLY B 58 24.17 -5.50 2.09
C GLY B 58 23.56 -4.23 2.63
N ILE B 59 23.56 -4.04 3.96
CA ILE B 59 23.08 -2.79 4.56
C ILE B 59 24.27 -1.84 4.71
N PRO B 60 24.20 -0.66 4.08
CA PRO B 60 25.34 0.27 4.06
C PRO B 60 25.57 0.92 5.43
N ASP B 61 26.76 1.46 5.73
CA ASP B 61 27.00 1.94 7.08
C ASP B 61 26.27 3.26 7.36
N ARG B 62 25.49 3.76 6.38
CA ARG B 62 24.59 4.90 6.59
C ARG B 62 23.61 4.58 7.69
N PHE B 63 23.32 3.30 7.87
CA PHE B 63 22.41 2.85 8.95
C PHE B 63 23.19 2.44 10.18
N SER B 64 22.75 2.91 11.33
CA SER B 64 23.38 2.49 12.57
C SER B 64 22.35 2.36 13.68
N GLY B 65 22.70 1.64 14.73
CA GLY B 65 21.78 1.45 15.83
C GLY B 65 22.58 1.48 17.11
N SER B 66 21.94 1.91 18.18
CA SER B 66 22.53 1.75 19.50
C SER B 66 21.42 1.49 20.50
N LYS B 67 21.79 1.07 21.70
CA LYS B 67 20.82 0.77 22.75
C LYS B 67 21.39 1.23 24.07
N SER B 68 20.53 1.89 24.84
CA SER B 68 20.89 2.40 26.16
C SER B 68 19.71 2.23 27.11
N GLY B 69 19.86 1.36 28.11
CA GLY B 69 18.83 1.17 29.11
C GLY B 69 17.61 0.51 28.50
N THR B 70 16.47 1.16 28.58
CA THR B 70 15.24 0.59 28.04
C THR B 70 14.85 1.25 26.70
N SER B 71 15.78 2.03 26.12
CA SER B 71 15.58 2.66 24.81
C SER B 71 16.57 2.15 23.76
N ALA B 72 16.18 2.28 22.50
CA ALA B 72 17.09 2.02 21.38
C ALA B 72 16.91 3.10 20.30
N THR B 73 17.89 3.24 19.43
CA THR B 73 17.90 4.29 18.40
C THR B 73 18.46 3.83 17.07
N LEU B 74 17.71 4.11 16.00
CA LEU B 74 18.17 3.93 14.64
C LEU B 74 18.66 5.27 14.12
N GLY B 75 19.85 5.28 13.53
CA GLY B 75 20.39 6.47 12.92
C GLY B 75 20.51 6.21 11.43
N ILE B 76 20.20 7.23 10.63
CA ILE B 76 20.29 7.15 9.18
C ILE B 76 20.94 8.45 8.70
N THR B 77 22.17 8.34 8.18
CA THR B 77 22.90 9.50 7.67
C THR B 77 22.81 9.51 6.16
N GLY B 78 23.18 10.65 5.57
CA GLY B 78 23.21 10.77 4.12
C GLY B 78 21.88 10.38 3.52
N LEU B 79 20.78 10.87 4.11
CA LEU B 79 19.43 10.51 3.64
C LEU B 79 19.25 10.63 2.12
N GLN B 80 18.54 9.67 1.56
CA GLN B 80 18.23 9.63 0.12
C GLN B 80 16.72 9.47 -0.06
N THR B 81 16.18 9.96 -1.16
CA THR B 81 14.76 9.81 -1.43
C THR B 81 14.26 8.36 -1.30
N GLY B 82 15.10 7.42 -1.68
CA GLY B 82 14.72 6.04 -1.50
C GLY B 82 14.56 5.55 -0.05
N ASP B 83 14.88 6.39 0.95
CA ASP B 83 14.79 5.95 2.35
C ASP B 83 13.39 6.17 2.91
N GLU B 84 12.52 6.81 2.12
CA GLU B 84 11.10 6.98 2.47
C GLU B 84 10.47 5.63 2.70
N ALA B 85 10.05 5.36 3.94
CA ALA B 85 9.63 4.02 4.34
C ALA B 85 9.06 4.06 5.76
N ASP B 86 8.37 2.99 6.19
CA ASP B 86 8.15 2.81 7.63
C ASP B 86 9.35 2.06 8.28
N TYR B 87 9.80 2.53 9.45
CA TYR B 87 10.87 1.84 10.23
C TYR B 87 10.35 1.27 11.55
N TYR B 88 10.70 0.02 11.86
CA TYR B 88 10.21 -0.66 13.05
C TYR B 88 11.37 -1.14 13.87
N CYS B 89 11.33 -0.91 15.18
CA CYS B 89 12.23 -1.64 16.04
C CYS B 89 11.55 -2.91 16.47
N GLY B 90 12.38 -3.89 16.85
CA GLY B 90 11.90 -5.16 17.33
C GLY B 90 12.81 -5.68 18.43
N THR B 91 12.26 -6.46 19.37
CA THR B 91 13.09 -7.07 20.42
C THR B 91 12.36 -8.34 20.90
N TRP B 92 12.74 -8.85 22.07
CA TRP B 92 12.08 -10.02 22.64
C TRP B 92 11.57 -9.71 24.02
N ASP B 93 10.42 -10.27 24.37
CA ASP B 93 9.82 -10.04 25.68
C ASP B 93 10.40 -10.99 26.73
N SER B 94 9.81 -10.99 27.94
CA SER B 94 10.32 -11.82 29.04
C SER B 94 10.08 -13.31 28.79
N SER B 95 9.31 -13.63 27.75
CA SER B 95 9.10 -15.02 27.32
C SER B 95 9.95 -15.38 26.12
N LEU B 96 10.82 -14.45 25.73
CA LEU B 96 11.60 -14.55 24.49
C LEU B 96 10.71 -14.73 23.25
N ASN B 97 9.55 -14.07 23.25
CA ASN B 97 8.77 -13.95 22.04
C ASN B 97 8.97 -12.58 21.40
N PRO B 98 8.99 -12.53 20.06
CA PRO B 98 9.22 -11.30 19.29
C PRO B 98 8.17 -10.22 19.55
N VAL B 99 8.61 -8.98 19.78
CA VAL B 99 7.69 -7.85 19.91
C VAL B 99 8.23 -6.73 19.07
N PHE B 100 7.32 -5.91 18.56
CA PHE B 100 7.68 -4.85 17.62
C PHE B 100 7.11 -3.52 18.08
N GLY B 101 7.72 -2.43 17.64
CA GLY B 101 7.15 -1.11 17.83
C GLY B 101 6.08 -0.80 16.79
N GLY B 102 5.37 0.32 16.95
CA GLY B 102 4.24 0.63 16.10
C GLY B 102 4.65 1.28 14.79
N GLY B 103 5.95 1.52 14.63
CA GLY B 103 6.47 2.05 13.38
C GLY B 103 6.66 3.56 13.36
N THR B 104 7.63 4.01 12.57
CA THR B 104 7.85 5.42 12.33
C THR B 104 7.93 5.68 10.82
N LYS B 105 7.16 6.65 10.32
CA LYS B 105 7.22 7.00 8.91
C LYS B 105 8.29 8.05 8.71
N LEU B 106 9.19 7.79 7.78
CA LEU B 106 10.22 8.77 7.45
C LEU B 106 9.77 9.54 6.22
N GLU B 107 9.66 10.86 6.37
CA GLU B 107 9.39 11.74 5.27
C GLU B 107 10.62 12.53 4.82
N ILE B 108 10.88 12.59 3.51
CA ILE B 108 11.98 13.40 3.00
C ILE B 108 11.51 14.86 2.70
N LYS B 109 12.17 15.85 3.30
CA LYS B 109 11.87 17.27 3.02
C LYS B 109 12.41 17.68 1.66
N ARG B 110 11.59 18.30 0.84
CA ARG B 110 12.08 18.83 -0.43
C ARG B 110 11.45 20.20 -0.64
N THR B 111 11.80 20.87 -1.74
CA THR B 111 11.28 22.20 -2.00
C THR B 111 9.81 22.09 -2.39
N VAL B 112 9.08 23.18 -2.18
CA VAL B 112 7.67 23.25 -2.50
C VAL B 112 7.47 23.02 -3.99
N ALA B 113 6.53 22.16 -4.33
CA ALA B 113 6.23 21.92 -5.73
C ALA B 113 4.74 21.97 -5.91
N ALA B 114 4.29 22.75 -6.90
CA ALA B 114 2.87 22.88 -7.17
C ALA B 114 2.35 21.68 -7.99
N PRO B 115 1.13 21.23 -7.70
CA PRO B 115 0.54 20.10 -8.42
C PRO B 115 0.23 20.44 -9.87
N SER B 116 0.32 19.44 -10.74
CA SER B 116 -0.27 19.55 -12.08
C SER B 116 -1.66 18.99 -11.97
N VAL B 117 -2.66 19.72 -12.46
CA VAL B 117 -4.04 19.29 -12.27
C VAL B 117 -4.69 18.81 -13.56
N PHE B 118 -5.30 17.64 -13.51
CA PHE B 118 -5.93 17.03 -14.67
C PHE B 118 -7.35 16.60 -14.30
N ILE B 119 -8.30 16.65 -15.22
CA ILE B 119 -9.64 16.21 -14.86
C ILE B 119 -10.15 15.19 -15.88
N PHE B 120 -10.95 14.23 -15.43
CA PHE B 120 -11.39 13.15 -16.32
C PHE B 120 -12.90 13.02 -16.28
N PRO B 121 -13.58 13.35 -17.37
CA PRO B 121 -15.02 13.06 -17.47
C PRO B 121 -15.30 11.57 -17.33
N PRO B 122 -16.50 11.18 -16.90
CA PRO B 122 -16.78 9.73 -16.90
C PRO B 122 -16.67 9.13 -18.29
N SER B 123 -16.39 7.84 -18.35
CA SER B 123 -16.36 7.21 -19.64
C SER B 123 -17.78 6.89 -20.10
N ASP B 124 -17.96 6.78 -21.41
CA ASP B 124 -19.19 6.30 -22.02
C ASP B 124 -19.55 4.92 -21.53
N GLU B 125 -18.53 4.09 -21.40
CA GLU B 125 -18.72 2.75 -20.88
C GLU B 125 -19.33 2.78 -19.48
N GLN B 126 -18.80 3.58 -18.58
CA GLN B 126 -19.40 3.68 -17.25
C GLN B 126 -20.81 4.26 -17.33
N LEU B 127 -21.00 5.31 -18.14
CA LEU B 127 -22.31 5.95 -18.29
C LEU B 127 -23.38 4.95 -18.69
N LYS B 128 -23.06 4.01 -19.58
CA LYS B 128 -24.06 3.03 -19.99
C LYS B 128 -24.40 2.07 -18.86
N SER B 129 -23.48 1.89 -17.92
CA SER B 129 -23.71 0.98 -16.81
C SER B 129 -24.47 1.68 -15.71
N GLY B 130 -24.74 2.98 -15.90
CA GLY B 130 -25.66 3.69 -15.03
C GLY B 130 -25.10 4.66 -14.01
N THR B 131 -23.79 4.85 -13.96
CA THR B 131 -23.19 5.78 -13.00
C THR B 131 -22.12 6.66 -13.66
N ALA B 132 -21.70 7.70 -12.96
CA ALA B 132 -20.70 8.58 -13.52
C ALA B 132 -19.66 8.98 -12.48
N SER B 133 -18.41 8.59 -12.72
CA SER B 133 -17.37 8.97 -11.79
C SER B 133 -16.53 10.03 -12.49
N VAL B 134 -16.36 11.17 -11.85
CA VAL B 134 -15.51 12.25 -12.35
C VAL B 134 -14.27 12.22 -11.51
N VAL B 135 -13.12 12.17 -12.15
CA VAL B 135 -11.87 12.06 -11.43
C VAL B 135 -11.01 13.32 -11.60
N CYS B 136 -10.55 13.87 -10.48
N CYS B 136 -10.48 13.84 -10.49
CA CYS B 136 -9.59 14.99 -10.50
CA CYS B 136 -9.59 15.00 -10.52
C CYS B 136 -8.24 14.43 -10.05
C CYS B 136 -8.21 14.66 -9.98
N LEU B 137 -7.20 14.69 -10.84
CA LEU B 137 -5.83 14.28 -10.50
C LEU B 137 -4.87 15.46 -10.17
N LEU B 138 -4.28 15.41 -8.98
CA LEU B 138 -3.26 16.38 -8.58
C LEU B 138 -1.91 15.66 -8.59
N ASN B 139 -1.05 15.97 -9.54
CA ASN B 139 0.11 15.15 -9.73
C ASN B 139 1.37 15.82 -9.22
N ASN B 140 2.14 15.09 -8.40
CA ASN B 140 3.52 15.45 -8.03
C ASN B 140 3.64 16.77 -7.28
N PHE B 141 3.05 16.86 -6.10
CA PHE B 141 3.16 18.12 -5.37
C PHE B 141 3.87 17.90 -4.05
N TYR B 142 4.28 19.00 -3.45
CA TYR B 142 4.90 19.01 -2.12
C TYR B 142 4.70 20.38 -1.51
N PRO B 143 4.32 20.46 -0.22
CA PRO B 143 4.12 19.37 0.74
C PRO B 143 2.79 18.70 0.54
N ARG B 144 2.49 17.74 1.41
CA ARG B 144 1.34 16.86 1.24
C ARG B 144 0.00 17.58 1.30
N GLU B 145 -0.09 18.65 2.07
CA GLU B 145 -1.35 19.33 2.30
C GLU B 145 -1.91 19.96 1.01
N ALA B 146 -3.13 19.55 0.66
CA ALA B 146 -3.77 19.99 -0.57
C ALA B 146 -5.28 20.00 -0.36
N LYS B 147 -5.96 20.93 -1.02
CA LYS B 147 -7.40 21.05 -0.89
C LYS B 147 -8.06 20.95 -2.27
N VAL B 148 -9.03 20.04 -2.40
CA VAL B 148 -9.79 19.89 -3.63
C VAL B 148 -11.24 20.17 -3.37
N GLN B 149 -11.80 21.08 -4.17
CA GLN B 149 -13.21 21.43 -4.04
C GLN B 149 -13.93 21.12 -5.36
N TRP B 150 -15.02 20.38 -5.27
CA TRP B 150 -15.82 20.05 -6.44
C TRP B 150 -16.98 21.02 -6.52
N LYS B 151 -17.23 21.52 -7.73
CA LYS B 151 -18.41 22.33 -8.01
C LYS B 151 -19.13 21.79 -9.22
N VAL B 152 -20.46 21.67 -9.14
CA VAL B 152 -21.24 21.21 -10.28
C VAL B 152 -22.27 22.26 -10.54
N ASP B 153 -22.22 22.90 -11.71
CA ASP B 153 -23.02 24.08 -12.00
C ASP B 153 -22.92 25.11 -10.89
N ASN B 154 -21.67 25.33 -10.46
CA ASN B 154 -21.33 26.28 -9.39
C ASN B 154 -21.84 25.90 -7.98
N ALA B 155 -22.32 24.69 -7.82
CA ALA B 155 -22.76 24.24 -6.52
C ALA B 155 -21.65 23.43 -5.88
N LEU B 156 -21.24 23.88 -4.71
CA LEU B 156 -20.22 23.21 -3.93
C LEU B 156 -20.69 21.84 -3.54
N GLN B 157 -19.93 20.82 -3.91
CA GLN B 157 -20.23 19.43 -3.53
C GLN B 157 -19.64 19.17 -2.17
N SER B 158 -20.44 18.67 -1.24
CA SER B 158 -19.91 18.42 0.09
C SER B 158 -20.33 17.03 0.58
N GLY B 159 -19.35 16.17 0.83
CA GLY B 159 -19.62 14.83 1.35
C GLY B 159 -19.82 13.83 0.23
N ASN B 160 -19.55 14.28 -0.98
CA ASN B 160 -19.95 13.64 -2.19
C ASN B 160 -18.83 12.92 -2.93
N SER B 161 -17.63 13.08 -2.40
CA SER B 161 -16.43 12.68 -3.09
C SER B 161 -15.48 11.99 -2.13
N GLN B 162 -14.48 11.30 -2.66
CA GLN B 162 -13.46 10.63 -1.83
C GLN B 162 -12.14 10.84 -2.51
N GLU B 163 -11.10 11.00 -1.72
CA GLU B 163 -9.80 11.19 -2.27
C GLU B 163 -8.81 10.22 -1.63
N SER B 164 -7.72 9.97 -2.32
CA SER B 164 -6.64 9.29 -1.63
C SER B 164 -5.33 9.82 -2.20
N VAL B 165 -4.26 9.56 -1.46
CA VAL B 165 -2.96 10.15 -1.68
C VAL B 165 -1.91 9.05 -1.74
N THR B 166 -1.01 9.12 -2.71
CA THR B 166 0.07 8.13 -2.78
C THR B 166 1.01 8.32 -1.59
N GLU B 167 1.86 7.32 -1.39
CA GLU B 167 3.02 7.46 -0.56
C GLU B 167 4.00 8.36 -1.27
N GLN B 168 4.94 8.91 -0.53
CA GLN B 168 5.90 9.82 -1.11
C GLN B 168 6.69 9.12 -2.23
N ASP B 169 6.84 9.78 -3.36
CA ASP B 169 7.53 9.18 -4.51
C ASP B 169 9.01 8.91 -4.20
N SER B 170 9.48 7.73 -4.57
CA SER B 170 10.82 7.27 -4.20
C SER B 170 11.92 8.03 -4.93
N LYS B 171 11.53 8.76 -5.98
CA LYS B 171 12.49 9.46 -6.82
C LYS B 171 12.48 10.97 -6.64
N ASP B 172 11.32 11.62 -6.58
CA ASP B 172 11.34 13.08 -6.42
C ASP B 172 10.69 13.60 -5.11
N SER B 173 10.32 12.68 -4.20
CA SER B 173 9.73 12.98 -2.89
C SER B 173 8.44 13.78 -2.93
N THR B 174 7.70 13.69 -4.02
CA THR B 174 6.40 14.35 -4.09
C THR B 174 5.23 13.42 -3.73
N TYR B 175 4.04 14.00 -3.66
CA TYR B 175 2.84 13.24 -3.52
C TYR B 175 1.94 13.43 -4.75
N SER B 176 0.99 12.52 -4.91
CA SER B 176 -0.07 12.71 -5.88
C SER B 176 -1.38 12.41 -5.19
N LEU B 177 -2.44 13.00 -5.69
CA LEU B 177 -3.74 12.85 -5.07
C LEU B 177 -4.80 12.58 -6.15
N SER B 178 -5.70 11.65 -5.87
CA SER B 178 -6.80 11.34 -6.76
C SER B 178 -8.09 11.58 -6.04
N SER B 179 -8.97 12.39 -6.61
CA SER B 179 -10.27 12.66 -6.01
C SER B 179 -11.37 12.18 -6.93
N THR B 180 -12.33 11.39 -6.44
CA THR B 180 -13.44 10.96 -7.29
C THR B 180 -14.79 11.52 -6.83
N LEU B 181 -15.50 12.17 -7.75
CA LEU B 181 -16.88 12.62 -7.49
C LEU B 181 -17.81 11.62 -8.19
N THR B 182 -18.71 10.97 -7.46
CA THR B 182 -19.55 9.99 -8.14
C THR B 182 -21.01 10.46 -8.07
N LEU B 183 -21.70 10.35 -9.21
CA LEU B 183 -23.11 10.68 -9.37
C LEU B 183 -23.79 9.56 -10.07
N SER B 184 -25.11 9.52 -9.96
CA SER B 184 -25.87 8.62 -10.79
C SER B 184 -25.92 9.15 -12.23
N LYS B 185 -26.28 8.30 -13.20
CA LYS B 185 -26.35 8.78 -14.58
C LYS B 185 -27.39 9.87 -14.74
N ALA B 186 -28.55 9.67 -14.13
CA ALA B 186 -29.61 10.67 -14.24
C ALA B 186 -29.14 12.02 -13.72
N ASP B 187 -28.44 12.04 -12.58
CA ASP B 187 -28.00 13.31 -12.00
C ASP B 187 -26.90 13.93 -12.85
N TYR B 188 -26.03 13.07 -13.40
CA TYR B 188 -24.94 13.60 -14.24
C TYR B 188 -25.53 14.35 -15.40
N GLU B 189 -26.63 13.82 -15.94
CA GLU B 189 -27.26 14.43 -17.11
C GLU B 189 -28.09 15.69 -16.81
N LYS B 190 -28.20 16.07 -15.53
CA LYS B 190 -28.98 17.24 -15.15
C LYS B 190 -28.14 18.51 -15.11
N HIS B 191 -26.84 18.34 -15.32
CA HIS B 191 -25.91 19.44 -15.12
C HIS B 191 -24.93 19.56 -16.23
N LYS B 192 -24.41 20.75 -16.41
CA LYS B 192 -23.48 21.00 -17.49
C LYS B 192 -22.03 21.14 -17.03
N VAL B 193 -21.76 22.02 -16.06
CA VAL B 193 -20.36 22.34 -15.77
C VAL B 193 -19.84 21.58 -14.57
N TYR B 194 -18.77 20.81 -14.78
CA TYR B 194 -18.11 20.01 -13.77
C TYR B 194 -16.68 20.51 -13.57
N ALA B 195 -16.35 20.84 -12.32
CA ALA B 195 -15.13 21.56 -12.04
C ALA B 195 -14.47 21.10 -10.76
N CYS B 196 -13.14 21.02 -10.81
N CYS B 196 -13.15 20.94 -10.79
CA CYS B 196 -12.32 20.72 -9.66
CA CYS B 196 -12.39 20.72 -9.55
C CYS B 196 -11.44 21.94 -9.37
C CYS B 196 -11.44 21.89 -9.34
N GLU B 197 -11.51 22.46 -8.14
CA GLU B 197 -10.70 23.61 -7.78
C GLU B 197 -9.64 23.19 -6.76
N VAL B 198 -8.37 23.45 -7.07
CA VAL B 198 -7.24 23.00 -6.25
C VAL B 198 -6.52 24.15 -5.55
N THR B 199 -6.36 24.00 -4.24
CA THR B 199 -5.59 24.95 -3.41
C THR B 199 -4.34 24.25 -2.89
N HIS B 200 -3.19 24.91 -3.04
CA HIS B 200 -1.95 24.32 -2.56
C HIS B 200 -0.90 25.40 -2.37
N GLN B 201 -0.02 25.15 -1.42
CA GLN B 201 0.98 26.13 -1.04
C GLN B 201 1.80 26.60 -2.24
N GLY B 202 2.02 25.71 -3.20
CA GLY B 202 2.83 26.06 -4.35
C GLY B 202 2.10 26.80 -5.46
N LEU B 203 0.79 27.02 -5.30
CA LEU B 203 0.00 27.80 -6.25
C LEU B 203 -0.32 29.19 -5.68
N SER B 204 -0.01 30.26 -6.43
CA SER B 204 -0.26 31.62 -5.92
C SER B 204 -1.74 31.93 -5.84
N SER B 205 -2.56 31.17 -6.57
CA SER B 205 -4.01 31.28 -6.48
C SER B 205 -4.61 29.94 -6.90
N PRO B 206 -5.87 29.65 -6.51
CA PRO B 206 -6.49 28.37 -6.81
C PRO B 206 -6.52 28.06 -8.30
N VAL B 207 -6.34 26.80 -8.63
CA VAL B 207 -6.38 26.32 -9.99
C VAL B 207 -7.68 25.55 -10.23
N THR B 208 -8.37 25.88 -11.32
CA THR B 208 -9.62 25.20 -11.65
C THR B 208 -9.57 24.46 -13.01
N LYS B 209 -9.95 23.20 -13.00
CA LYS B 209 -10.09 22.43 -14.23
C LYS B 209 -11.54 22.03 -14.36
N SER B 210 -12.13 22.24 -15.52
CA SER B 210 -13.52 21.92 -15.71
C SER B 210 -13.79 21.48 -17.11
N PHE B 211 -14.93 20.82 -17.30
CA PHE B 211 -15.46 20.48 -18.63
C PHE B 211 -16.97 20.66 -18.59
N ASN B 212 -17.56 20.80 -19.77
CA ASN B 212 -19.00 20.76 -19.95
C ASN B 212 -19.40 19.37 -20.40
N ARG B 213 -20.40 18.79 -19.72
CA ARG B 213 -20.90 17.49 -20.15
C ARG B 213 -21.32 17.52 -21.62
N GLY B 214 -20.76 16.62 -22.42
CA GLY B 214 -21.18 16.52 -23.79
C GLY B 214 -20.24 17.10 -24.82
N GLU B 215 -19.23 17.86 -24.39
CA GLU B 215 -18.23 18.32 -25.34
C GLU B 215 -17.28 17.18 -25.73
N CYS B 216 -17.31 16.12 -24.94
CA CYS B 216 -16.75 14.83 -25.33
C CYS B 216 -17.44 13.69 -24.58
C1 DEP C . 12.26 -11.05 11.88
C2 DEP C . 11.24 -12.16 11.72
C3 DEP C . 12.90 -9.85 16.46
C4 DEP C . 11.71 -9.41 17.27
O1 DEP C . 12.21 -10.56 13.23
O2 DEP C . 12.90 -9.18 15.20
O3 DEP C . 14.47 -10.94 14.29
P DEP C . 13.52 -9.89 13.89
#